data_7EPE
#
_entry.id   7EPE
#
_cell.length_a   58.521
_cell.length_b   86.402
_cell.length_c   99.630
_cell.angle_alpha   90.000
_cell.angle_beta   90.000
_cell.angle_gamma   90.000
#
_symmetry.space_group_name_H-M   'P 21 2 21'
#
loop_
_entity.id
_entity.type
_entity.pdbx_description
1 polymer 'Metabotropic glutamate receptor 2'
2 non-polymer 'FLAVIN MONONUCLEOTIDE'
3 non-polymer 4-(1-methylpyrazol-4-yl)-7-[[(2~{S})-2-(trifluoromethyl)morpholin-4-yl]methyl]quinoline-2-carboxamide
#
_entity_poly.entity_id   1
_entity_poly.type   'polypeptide(L)'
_entity_poly.pdbx_seq_one_letter_code
;DYKDDDGAPLPQEYIRWGDAWAVGPVTIACLGALATLFVLGVFVRHNATPVVKASGRELCYILLGGVFLCYCMTFIFIAK
PSTAVCTLRRLGLGTAFSVCYSALLTKTYRIARIFGAKALIVYGSTTGNTEYTAETIARELADAGYEVDSRDAASVEAGG
LFEGFDLVLLGCSTWGDDSIELQDDFIPLFDSLEETGAQGRKVACFGCGDSSWEYFCGAVDAIEEKLKNLGAEIVQDGLR
IDGDPRAARDDIVGWAHDVRGAIPRFISPASQVAICLALISGQLLIVVAWLVVEAPGTGKETAPERREVVTLRCNHRDAS
MLGSLAYNVLLIALCTLYAFKTRKCPENFNEAKFIGFTMYTTCIIWLAFLPIFYVTSSDYRVQTTTMCVSVSLSGSVVLG
CLFAPKLYIILFQPQKNVVSHRAPTSRFGSAAARASSSEFLEVLFQ
;
_entity_poly.pdbx_strand_id   A
#
# COMPACT_ATOMS: atom_id res chain seq x y z
N GLY A 18 -3.24 16.82 -45.47
CA GLY A 18 -2.27 17.10 -44.41
C GLY A 18 -2.64 16.61 -43.01
N ASP A 19 -3.82 15.95 -42.86
CA ASP A 19 -4.27 15.45 -41.57
C ASP A 19 -4.25 13.91 -41.48
N ALA A 20 -3.63 13.24 -42.47
CA ALA A 20 -3.47 11.80 -42.57
C ALA A 20 -2.74 11.20 -41.37
N TRP A 21 -1.64 11.83 -40.93
CA TRP A 21 -0.81 11.44 -39.79
C TRP A 21 -1.58 11.40 -38.47
N ALA A 22 -2.75 12.08 -38.42
CA ALA A 22 -3.56 12.16 -37.22
C ALA A 22 -4.67 11.10 -37.12
N VAL A 23 -5.02 10.39 -38.20
CA VAL A 23 -6.10 9.42 -38.25
C VAL A 23 -5.92 8.24 -37.26
N GLY A 24 -4.76 7.59 -37.32
CA GLY A 24 -4.32 6.51 -36.44
C GLY A 24 -4.41 6.90 -34.98
N PRO A 25 -3.67 8.00 -34.55
CA PRO A 25 -3.76 8.45 -33.13
C PRO A 25 -5.15 8.80 -32.64
N VAL A 26 -5.97 9.47 -33.48
CA VAL A 26 -7.36 9.86 -33.13
C VAL A 26 -8.24 8.59 -32.93
N THR A 27 -8.08 7.55 -33.81
CA THR A 27 -8.78 6.27 -33.73
C THR A 27 -8.46 5.57 -32.44
N ILE A 28 -7.18 5.51 -32.05
CA ILE A 28 -6.75 4.89 -30.78
C ILE A 28 -7.44 5.63 -29.63
N ALA A 29 -7.23 6.97 -29.56
CA ALA A 29 -7.79 7.87 -28.56
C ALA A 29 -9.32 7.71 -28.37
N CYS A 30 -10.09 7.60 -29.47
CA CYS A 30 -11.54 7.40 -29.42
C CYS A 30 -11.89 6.01 -28.90
N LEU A 31 -11.19 4.96 -29.38
CA LEU A 31 -11.43 3.59 -28.95
C LEU A 31 -11.11 3.42 -27.45
N GLY A 32 -10.00 4.03 -27.03
CA GLY A 32 -9.55 4.04 -25.65
C GLY A 32 -10.47 4.78 -24.72
N ALA A 33 -10.98 5.97 -25.17
CA ALA A 33 -11.93 6.79 -24.42
C ALA A 33 -13.22 6.04 -24.21
N LEU A 34 -13.72 5.38 -25.24
CA LEU A 34 -14.95 4.59 -25.20
C LEU A 34 -14.84 3.39 -24.28
N ALA A 35 -13.66 2.72 -24.25
CA ALA A 35 -13.35 1.58 -23.37
C ALA A 35 -13.39 2.03 -21.92
N THR A 36 -12.68 3.14 -21.58
CA THR A 36 -12.60 3.77 -20.24
C THR A 36 -14.00 4.17 -19.74
N LEU A 37 -14.86 4.65 -20.66
CA LEU A 37 -16.21 5.04 -20.30
C LEU A 37 -17.09 3.82 -19.98
N PHE A 38 -16.87 2.72 -20.75
CA PHE A 38 -17.54 1.44 -20.57
C PHE A 38 -17.15 0.85 -19.21
N VAL A 39 -15.86 0.90 -18.86
CA VAL A 39 -15.32 0.42 -17.58
C VAL A 39 -15.97 1.18 -16.43
N LEU A 40 -16.04 2.53 -16.55
CA LEU A 40 -16.70 3.40 -15.56
C LEU A 40 -18.19 3.05 -15.43
N GLY A 41 -18.85 2.82 -16.57
CA GLY A 41 -20.25 2.42 -16.60
C GLY A 41 -20.51 1.12 -15.86
N VAL A 42 -19.66 0.07 -16.12
CA VAL A 42 -19.78 -1.24 -15.47
C VAL A 42 -19.56 -1.12 -13.96
N PHE A 43 -18.53 -0.33 -13.57
CA PHE A 43 -18.18 -0.06 -12.19
C PHE A 43 -19.27 0.68 -11.44
N VAL A 44 -19.77 1.82 -11.97
CA VAL A 44 -20.83 2.63 -11.35
C VAL A 44 -22.14 1.82 -11.27
N ARG A 45 -22.48 1.06 -12.35
CA ARG A 45 -23.67 0.20 -12.29
C ARG A 45 -23.58 -0.80 -11.12
N HIS A 46 -22.39 -1.39 -10.88
CA HIS A 46 -22.14 -2.37 -9.81
C HIS A 46 -21.33 -1.76 -8.66
N ASN A 47 -21.52 -0.47 -8.35
CA ASN A 47 -20.77 0.29 -7.33
C ASN A 47 -20.77 -0.31 -5.89
N ALA A 48 -21.89 -0.91 -5.44
CA ALA A 48 -22.02 -1.45 -4.08
C ALA A 48 -21.61 -2.93 -4.00
N THR A 49 -21.19 -3.48 -5.14
CA THR A 49 -20.73 -4.84 -5.32
C THR A 49 -19.37 -5.05 -4.60
N PRO A 50 -19.03 -6.25 -4.09
CA PRO A 50 -17.72 -6.44 -3.45
C PRO A 50 -16.49 -6.16 -4.34
N VAL A 51 -16.51 -6.54 -5.64
CA VAL A 51 -15.38 -6.27 -6.58
C VAL A 51 -15.02 -4.77 -6.64
N VAL A 52 -16.03 -3.90 -6.66
CA VAL A 52 -15.86 -2.43 -6.71
C VAL A 52 -15.61 -1.81 -5.30
N LYS A 53 -16.30 -2.30 -4.25
CA LYS A 53 -16.18 -1.77 -2.88
C LYS A 53 -14.97 -2.26 -2.04
N ALA A 54 -14.57 -3.54 -2.18
CA ALA A 54 -13.56 -4.27 -1.37
C ALA A 54 -12.13 -3.71 -1.32
N SER A 55 -11.78 -2.71 -2.11
CA SER A 55 -10.41 -2.18 -2.09
C SER A 55 -10.41 -0.65 -1.92
N GLY A 56 -9.81 0.05 -2.88
CA GLY A 56 -9.74 1.51 -2.95
C GLY A 56 -10.67 1.97 -4.05
N ARG A 57 -11.98 1.97 -3.75
CA ARG A 57 -13.03 2.34 -4.68
C ARG A 57 -12.84 3.73 -5.27
N GLU A 58 -12.59 4.74 -4.41
CA GLU A 58 -12.40 6.14 -4.79
C GLU A 58 -11.17 6.25 -5.61
N LEU A 59 -10.14 5.46 -5.28
CA LEU A 59 -8.86 5.41 -5.99
C LEU A 59 -9.00 4.87 -7.43
N CYS A 60 -9.84 3.83 -7.65
CA CYS A 60 -10.16 3.21 -8.96
C CYS A 60 -10.94 4.14 -9.86
N TYR A 61 -11.70 5.09 -9.28
CA TYR A 61 -12.43 6.10 -10.07
C TYR A 61 -11.44 7.20 -10.45
N ILE A 62 -10.52 7.55 -9.52
CA ILE A 62 -9.49 8.55 -9.78
C ILE A 62 -8.58 8.02 -10.91
N LEU A 63 -8.17 6.73 -10.80
CA LEU A 63 -7.36 6.02 -11.78
C LEU A 63 -8.01 6.07 -13.17
N LEU A 64 -9.32 5.76 -13.26
CA LEU A 64 -10.07 5.79 -14.51
C LEU A 64 -10.11 7.17 -15.12
N GLY A 65 -10.19 8.21 -14.28
CA GLY A 65 -10.16 9.60 -14.71
C GLY A 65 -8.82 9.91 -15.36
N GLY A 66 -7.75 9.37 -14.77
CA GLY A 66 -6.38 9.55 -15.24
C GLY A 66 -6.15 8.89 -16.58
N VAL A 67 -6.71 7.66 -16.75
CA VAL A 67 -6.65 6.87 -17.99
C VAL A 67 -7.45 7.64 -19.08
N PHE A 68 -8.63 8.17 -18.73
CA PHE A 68 -9.43 8.98 -19.65
C PHE A 68 -8.64 10.21 -20.14
N LEU A 69 -7.90 10.89 -19.23
CA LEU A 69 -7.05 12.05 -19.56
C LEU A 69 -5.87 11.70 -20.48
N CYS A 70 -5.32 10.48 -20.31
CA CYS A 70 -4.24 9.95 -21.14
C CYS A 70 -4.69 9.89 -22.58
N TYR A 71 -5.86 9.28 -22.85
CA TYR A 71 -6.41 9.22 -24.22
C TYR A 71 -6.72 10.60 -24.79
N CYS A 72 -7.31 11.49 -23.95
CA CYS A 72 -7.68 12.83 -24.36
C CYS A 72 -6.50 13.71 -24.73
N MET A 73 -5.29 13.39 -24.20
CA MET A 73 -4.05 14.11 -24.50
C MET A 73 -3.75 14.14 -26.00
N THR A 74 -4.19 13.10 -26.76
CA THR A 74 -4.00 12.97 -28.20
C THR A 74 -4.59 14.20 -28.87
N PHE A 75 -5.85 14.52 -28.59
CA PHE A 75 -6.57 15.68 -29.11
C PHE A 75 -5.79 17.00 -28.89
N ILE A 76 -5.02 17.06 -27.80
CA ILE A 76 -4.17 18.21 -27.48
C ILE A 76 -2.86 18.15 -28.30
N PHE A 77 -2.26 16.96 -28.48
CA PHE A 77 -1.05 16.79 -29.31
C PHE A 77 -1.32 17.06 -30.77
N ILE A 78 -2.47 16.61 -31.28
CA ILE A 78 -2.87 16.79 -32.69
C ILE A 78 -3.26 18.27 -33.00
N ALA A 79 -3.75 19.02 -31.97
CA ALA A 79 -4.18 20.41 -32.09
C ALA A 79 -3.07 21.35 -32.57
N LYS A 80 -3.47 22.43 -33.27
CA LYS A 80 -2.54 23.43 -33.77
C LYS A 80 -2.03 24.26 -32.59
N PRO A 81 -0.68 24.37 -32.44
CA PRO A 81 -0.13 25.16 -31.33
C PRO A 81 -0.62 26.59 -31.29
N SER A 82 -1.03 26.99 -30.08
CA SER A 82 -1.55 28.30 -29.73
C SER A 82 -1.31 28.42 -28.24
N THR A 83 -1.54 29.62 -27.65
CA THR A 83 -1.34 29.85 -26.22
C THR A 83 -2.10 28.80 -25.38
N ALA A 84 -3.37 28.53 -25.71
CA ALA A 84 -4.22 27.57 -24.99
C ALA A 84 -3.74 26.16 -25.15
N VAL A 85 -3.41 25.74 -26.38
CA VAL A 85 -2.94 24.39 -26.66
C VAL A 85 -1.60 24.16 -25.93
N CYS A 86 -0.66 25.12 -26.02
CA CYS A 86 0.65 25.05 -25.36
C CYS A 86 0.53 24.97 -23.86
N THR A 87 -0.47 25.66 -23.27
CA THR A 87 -0.75 25.63 -21.82
C THR A 87 -1.17 24.22 -21.47
N LEU A 88 -2.23 23.74 -22.15
CA LEU A 88 -2.82 22.42 -22.01
C LEU A 88 -1.80 21.30 -22.13
N ARG A 89 -0.91 21.33 -23.15
CA ARG A 89 0.13 20.31 -23.38
C ARG A 89 1.04 20.17 -22.17
N ARG A 90 1.62 21.32 -21.73
CA ARG A 90 2.58 21.42 -20.62
C ARG A 90 1.97 20.90 -19.32
N LEU A 91 0.83 21.48 -18.94
CA LEU A 91 0.03 21.16 -17.76
C LEU A 91 -0.48 19.69 -17.78
N GLY A 92 -1.02 19.27 -18.92
CA GLY A 92 -1.63 17.97 -19.14
C GLY A 92 -0.77 16.74 -19.17
N LEU A 93 0.35 16.74 -19.94
CA LEU A 93 1.22 15.55 -20.06
C LEU A 93 1.62 14.97 -18.67
N GLY A 94 2.20 15.82 -17.83
CA GLY A 94 2.56 15.50 -16.45
C GLY A 94 1.38 15.12 -15.59
N THR A 95 0.30 15.96 -15.57
CA THR A 95 -0.93 15.72 -14.77
C THR A 95 -1.61 14.37 -15.11
N ALA A 96 -1.92 14.10 -16.40
CA ALA A 96 -2.54 12.85 -16.84
C ALA A 96 -1.89 11.67 -16.15
N PHE A 97 -0.55 11.53 -16.28
CA PHE A 97 0.26 10.46 -15.70
C PHE A 97 0.20 10.42 -14.18
N SER A 98 0.39 11.58 -13.56
CA SER A 98 0.38 11.79 -12.13
C SER A 98 -0.88 11.29 -11.46
N VAL A 99 -2.03 11.52 -12.12
CA VAL A 99 -3.31 11.07 -11.60
C VAL A 99 -3.31 9.53 -11.53
N CYS A 100 -2.86 8.86 -12.61
CA CYS A 100 -2.76 7.42 -12.68
C CYS A 100 -1.83 6.85 -11.61
N TYR A 101 -0.57 7.30 -11.61
CA TYR A 101 0.50 6.81 -10.76
C TYR A 101 0.39 7.24 -9.27
N SER A 102 -0.42 8.27 -8.97
CA SER A 102 -0.65 8.63 -7.57
C SER A 102 -1.75 7.75 -7.02
N ALA A 103 -2.77 7.40 -7.86
CA ALA A 103 -3.88 6.52 -7.46
C ALA A 103 -3.31 5.15 -7.22
N LEU A 104 -2.45 4.69 -8.13
CA LEU A 104 -1.79 3.38 -8.06
C LEU A 104 -0.85 3.26 -6.85
N LEU A 105 -0.06 4.29 -6.57
CA LEU A 105 0.83 4.32 -5.41
C LEU A 105 0.03 4.30 -4.11
N THR A 106 -1.12 5.05 -4.04
CA THR A 106 -1.98 5.06 -2.85
C THR A 106 -2.63 3.67 -2.64
N LYS A 107 -3.01 2.99 -3.74
CA LYS A 107 -3.57 1.63 -3.68
C LYS A 107 -2.56 0.66 -3.05
N THR A 108 -1.28 0.66 -3.54
CA THR A 108 -0.25 -0.23 -2.99
C THR A 108 0.14 0.19 -1.57
N TYR A 109 0.16 1.51 -1.31
CA TYR A 109 0.47 2.00 0.03
C TYR A 109 -0.55 1.46 1.09
N ARG A 110 -1.86 1.48 0.73
CA ARG A 110 -2.96 0.98 1.53
C ARG A 110 -2.78 -0.53 1.81
N ILE A 111 -2.42 -1.31 0.76
CA ILE A 111 -2.16 -2.75 0.84
C ILE A 111 -1.00 -3.01 1.80
N ALA A 112 0.08 -2.20 1.69
CA ALA A 112 1.29 -2.31 2.51
C ALA A 112 1.07 -2.03 4.02
N ARG A 113 0.09 -1.17 4.37
CA ARG A 113 -0.18 -0.85 5.77
C ARG A 113 -1.09 -1.87 6.43
N ILE A 114 -2.22 -2.19 5.76
CA ILE A 114 -3.25 -3.09 6.24
C ILE A 114 -2.81 -4.58 6.18
N PHE A 115 -1.80 -4.91 5.36
CA PHE A 115 -1.39 -6.34 5.26
C PHE A 115 0.13 -6.45 5.43
N GLY A 116 0.82 -5.34 5.22
CA GLY A 116 2.28 -5.26 5.37
C GLY A 116 2.68 -5.48 6.82
N ALA A 117 1.85 -4.98 7.74
CA ALA A 117 1.98 -5.14 9.22
C ALA A 117 2.32 -6.59 9.57
N LYS A 118 3.27 -6.74 10.49
CA LYS A 118 3.76 -8.04 10.91
C LYS A 118 4.05 -8.07 12.42
N ALA A 119 3.62 -9.15 13.08
CA ALA A 119 3.76 -9.34 14.52
C ALA A 119 4.63 -10.54 14.90
N LEU A 120 5.26 -10.46 16.10
CA LEU A 120 6.10 -11.50 16.69
C LEU A 120 5.61 -11.86 18.09
N ILE A 121 5.36 -13.15 18.31
CA ILE A 121 4.95 -13.64 19.61
C ILE A 121 6.07 -14.50 20.20
N VAL A 122 6.54 -14.13 21.40
CA VAL A 122 7.52 -14.90 22.15
C VAL A 122 6.82 -15.29 23.46
N TYR A 123 6.76 -16.62 23.70
CA TYR A 123 6.09 -17.20 24.87
C TYR A 123 7.00 -18.13 25.67
N GLY A 124 6.76 -18.17 26.97
CA GLY A 124 7.44 -19.01 27.93
C GLY A 124 6.40 -19.85 28.64
N SER A 125 6.36 -21.16 28.34
CA SER A 125 5.36 -22.08 28.88
C SER A 125 5.95 -23.41 29.34
N THR A 126 5.36 -23.98 30.41
CA THR A 126 5.76 -25.29 30.94
C THR A 126 4.65 -26.31 30.69
N THR A 127 3.41 -26.01 31.14
CA THR A 127 2.25 -26.92 31.02
C THR A 127 1.41 -26.65 29.74
N GLY A 128 1.93 -25.76 28.87
CA GLY A 128 1.30 -25.39 27.61
C GLY A 128 0.16 -24.40 27.73
N ASN A 129 0.02 -23.75 28.91
CA ASN A 129 -1.06 -22.78 29.11
C ASN A 129 -0.81 -21.48 28.34
N THR A 130 0.39 -20.86 28.50
CA THR A 130 0.79 -19.64 27.77
C THR A 130 1.03 -19.99 26.27
N GLU A 131 1.40 -21.27 26.00
CA GLU A 131 1.63 -21.79 24.64
C GLU A 131 0.32 -21.90 23.87
N TYR A 132 -0.82 -22.03 24.60
CA TYR A 132 -2.17 -22.11 24.03
C TYR A 132 -2.69 -20.70 23.81
N THR A 133 -2.45 -19.79 24.79
CA THR A 133 -2.86 -18.38 24.78
C THR A 133 -2.27 -17.69 23.54
N ALA A 134 -0.99 -17.97 23.24
CA ALA A 134 -0.25 -17.46 22.10
C ALA A 134 -0.81 -17.98 20.79
N GLU A 135 -1.18 -19.29 20.71
CA GLU A 135 -1.79 -19.94 19.53
C GLU A 135 -3.08 -19.23 19.12
N THR A 136 -4.00 -19.03 20.09
CA THR A 136 -5.30 -18.38 19.89
C THR A 136 -5.11 -16.87 19.58
N ILE A 137 -4.08 -16.22 20.19
CA ILE A 137 -3.73 -14.82 19.87
C ILE A 137 -3.22 -14.75 18.41
N ALA A 138 -2.30 -15.67 18.04
CA ALA A 138 -1.71 -15.76 16.70
C ALA A 138 -2.77 -15.92 15.63
N ARG A 139 -3.84 -16.70 15.90
CA ARG A 139 -4.95 -16.92 14.96
C ARG A 139 -5.74 -15.63 14.75
N GLU A 140 -6.07 -14.90 15.86
CA GLU A 140 -6.81 -13.64 15.80
C GLU A 140 -6.04 -12.54 15.04
N LEU A 141 -4.71 -12.49 15.26
CA LEU A 141 -3.86 -11.52 14.57
C LEU A 141 -3.74 -11.87 13.09
N ALA A 142 -3.65 -13.18 12.76
CA ALA A 142 -3.59 -13.69 11.38
C ALA A 142 -4.83 -13.23 10.61
N ASP A 143 -6.01 -13.31 11.29
CA ASP A 143 -7.32 -12.89 10.81
C ASP A 143 -7.38 -11.38 10.52
N ALA A 144 -6.51 -10.58 11.20
CA ALA A 144 -6.40 -9.13 11.03
C ALA A 144 -5.39 -8.70 9.92
N GLY A 145 -4.90 -9.68 9.14
CA GLY A 145 -3.94 -9.41 8.07
C GLY A 145 -2.53 -9.11 8.54
N TYR A 146 -2.09 -9.83 9.59
CA TYR A 146 -0.76 -9.73 10.18
C TYR A 146 0.06 -10.95 9.73
N GLU A 147 1.37 -10.75 9.46
CA GLU A 147 2.27 -11.84 9.15
C GLU A 147 2.82 -12.24 10.51
N VAL A 148 2.08 -13.12 11.20
CA VAL A 148 2.38 -13.57 12.56
C VAL A 148 3.48 -14.63 12.59
N ASP A 149 4.42 -14.47 13.53
CA ASP A 149 5.53 -15.38 13.79
C ASP A 149 5.55 -15.69 15.29
N SER A 150 5.17 -16.92 15.64
CA SER A 150 5.11 -17.42 17.02
C SER A 150 6.42 -18.17 17.29
N ARG A 151 7.08 -17.90 18.43
CA ARG A 151 8.37 -18.49 18.78
C ARG A 151 8.49 -18.73 20.28
N ASP A 152 8.86 -19.96 20.67
CA ASP A 152 9.09 -20.32 22.07
C ASP A 152 10.37 -19.64 22.55
N ALA A 153 10.37 -19.15 23.80
CA ALA A 153 11.51 -18.44 24.39
C ALA A 153 12.80 -19.28 24.48
N ALA A 154 12.66 -20.62 24.68
CA ALA A 154 13.78 -21.57 24.79
C ALA A 154 14.63 -21.63 23.53
N SER A 155 14.02 -21.33 22.36
CA SER A 155 14.65 -21.32 21.03
C SER A 155 14.77 -19.89 20.44
N VAL A 156 14.92 -18.89 21.34
CA VAL A 156 15.02 -17.47 21.01
C VAL A 156 16.36 -16.90 21.51
N GLU A 157 17.02 -16.13 20.63
CA GLU A 157 18.27 -15.43 20.87
C GLU A 157 17.92 -13.93 20.98
N ALA A 158 18.27 -13.28 22.12
CA ALA A 158 17.97 -11.88 22.44
C ALA A 158 18.40 -10.82 21.40
N GLY A 159 19.68 -10.79 21.06
CA GLY A 159 20.24 -9.81 20.13
C GLY A 159 19.48 -9.54 18.84
N GLY A 160 18.88 -8.35 18.75
CA GLY A 160 18.13 -7.86 17.60
C GLY A 160 16.85 -8.60 17.19
N LEU A 161 16.25 -9.34 18.14
CA LEU A 161 15.04 -10.15 17.96
C LEU A 161 13.74 -9.35 17.64
N PHE A 162 13.64 -8.09 18.08
CA PHE A 162 12.45 -7.29 17.83
C PHE A 162 12.56 -6.46 16.53
N GLU A 163 13.74 -6.49 15.88
CA GLU A 163 14.00 -5.77 14.63
C GLU A 163 13.12 -6.30 13.48
N GLY A 164 12.47 -5.37 12.78
CA GLY A 164 11.57 -5.64 11.67
C GLY A 164 10.12 -5.83 12.05
N PHE A 165 9.82 -5.91 13.35
CA PHE A 165 8.46 -6.14 13.82
C PHE A 165 7.71 -4.88 14.21
N ASP A 166 6.47 -4.80 13.71
CA ASP A 166 5.54 -3.69 13.97
C ASP A 166 4.92 -3.84 15.34
N LEU A 167 4.65 -5.08 15.78
CA LEU A 167 4.06 -5.42 17.06
C LEU A 167 4.76 -6.66 17.65
N VAL A 168 5.09 -6.62 18.94
CA VAL A 168 5.75 -7.72 19.65
C VAL A 168 4.93 -8.09 20.90
N LEU A 169 4.51 -9.36 21.00
CA LEU A 169 3.73 -9.82 22.16
C LEU A 169 4.51 -10.82 22.99
N LEU A 170 4.82 -10.45 24.24
CA LEU A 170 5.57 -11.29 25.15
C LEU A 170 4.64 -12.00 26.13
N GLY A 171 4.66 -13.33 26.08
CA GLY A 171 3.85 -14.18 26.95
C GLY A 171 4.65 -14.95 27.97
N CYS A 172 4.24 -14.87 29.27
CA CYS A 172 4.99 -15.59 30.31
C CYS A 172 4.18 -15.95 31.55
N SER A 173 4.36 -17.18 32.04
CA SER A 173 3.70 -17.65 33.26
C SER A 173 4.49 -17.26 34.53
N THR A 174 3.83 -17.23 35.70
CA THR A 174 4.46 -16.89 36.98
C THR A 174 4.78 -18.14 37.76
N TRP A 175 6.01 -18.20 38.31
CA TRP A 175 6.54 -19.34 39.08
C TRP A 175 7.14 -18.90 40.44
N GLY A 176 8.07 -19.69 40.98
CA GLY A 176 8.71 -19.42 42.27
C GLY A 176 7.81 -19.70 43.46
N ASP A 177 8.33 -20.39 44.47
CA ASP A 177 7.52 -20.74 45.64
C ASP A 177 7.24 -19.52 46.55
N ASP A 178 8.19 -19.14 47.44
CA ASP A 178 8.04 -18.04 48.40
C ASP A 178 8.06 -16.63 47.75
N SER A 179 8.35 -16.54 46.44
CA SER A 179 8.40 -15.27 45.72
C SER A 179 8.08 -15.43 44.22
N ILE A 180 8.10 -14.32 43.46
CA ILE A 180 7.83 -14.30 42.02
C ILE A 180 9.10 -14.76 41.27
N GLU A 181 8.91 -15.52 40.19
CA GLU A 181 9.94 -16.01 39.28
C GLU A 181 9.33 -16.19 37.89
N LEU A 182 10.01 -15.71 36.86
CA LEU A 182 9.52 -15.84 35.49
C LEU A 182 9.73 -17.27 35.04
N GLN A 183 8.95 -17.74 34.05
CA GLN A 183 9.07 -19.08 33.49
C GLN A 183 10.53 -19.31 32.95
N ASP A 184 11.11 -20.46 33.32
CA ASP A 184 12.49 -20.96 33.07
C ASP A 184 13.11 -20.55 31.71
N ASP A 185 12.39 -20.78 30.60
CA ASP A 185 12.84 -20.47 29.23
C ASP A 185 12.97 -18.98 28.96
N PHE A 186 12.04 -18.19 29.54
CA PHE A 186 11.94 -16.74 29.38
C PHE A 186 13.06 -15.95 30.06
N ILE A 187 13.59 -16.43 31.22
CA ILE A 187 14.63 -15.72 32.00
C ILE A 187 15.81 -15.18 31.11
N PRO A 188 16.53 -15.99 30.27
CA PRO A 188 17.62 -15.40 29.45
C PRO A 188 17.17 -14.24 28.59
N LEU A 189 15.96 -14.33 27.98
CA LEU A 189 15.41 -13.26 27.18
C LEU A 189 15.16 -12.01 28.05
N PHE A 190 14.60 -12.21 29.25
CA PHE A 190 14.35 -11.13 30.20
C PHE A 190 15.69 -10.46 30.61
N ASP A 191 16.74 -11.27 30.88
CA ASP A 191 18.06 -10.81 31.31
C ASP A 191 18.79 -9.94 30.27
N SER A 192 18.55 -10.23 28.97
CA SER A 192 19.19 -9.51 27.87
C SER A 192 18.16 -8.81 26.98
N LEU A 193 17.12 -8.27 27.63
CA LEU A 193 16.02 -7.54 27.02
C LEU A 193 16.49 -6.24 26.37
N GLU A 194 17.55 -5.58 26.90
CA GLU A 194 18.19 -4.35 26.37
C GLU A 194 18.62 -4.49 24.88
N GLU A 195 18.97 -5.72 24.47
CA GLU A 195 19.52 -6.11 23.17
C GLU A 195 18.51 -6.42 22.06
N THR A 196 17.23 -6.54 22.39
CA THR A 196 16.21 -6.94 21.40
C THR A 196 15.78 -5.82 20.42
N GLY A 197 15.90 -4.56 20.81
CA GLY A 197 15.45 -3.42 20.00
C GLY A 197 14.04 -2.99 20.38
N ALA A 198 13.69 -3.06 21.69
CA ALA A 198 12.39 -2.69 22.24
C ALA A 198 12.13 -1.17 22.32
N GLN A 199 13.19 -0.33 22.33
CA GLN A 199 12.97 1.12 22.39
C GLN A 199 12.20 1.63 21.17
N GLY A 200 11.05 2.24 21.44
CA GLY A 200 10.17 2.78 20.42
C GLY A 200 9.26 1.75 19.79
N ARG A 201 9.36 0.49 20.23
CA ARG A 201 8.54 -0.60 19.72
C ARG A 201 7.23 -0.71 20.45
N LYS A 202 6.15 -0.94 19.69
CA LYS A 202 4.80 -1.19 20.20
C LYS A 202 4.79 -2.63 20.77
N VAL A 203 4.55 -2.77 22.09
CA VAL A 203 4.56 -4.08 22.80
C VAL A 203 3.34 -4.28 23.67
N ALA A 204 3.06 -5.54 24.02
CA ALA A 204 1.99 -5.90 24.94
C ALA A 204 2.30 -7.27 25.55
N CYS A 205 2.05 -7.40 26.86
CA CYS A 205 2.34 -8.63 27.60
C CYS A 205 1.13 -9.43 27.96
N PHE A 206 1.28 -10.74 27.97
CA PHE A 206 0.22 -11.66 28.37
C PHE A 206 0.80 -12.78 29.25
N GLY A 207 -0.06 -13.61 29.83
CA GLY A 207 0.42 -14.70 30.67
C GLY A 207 -0.64 -15.40 31.48
N CYS A 208 -0.35 -16.65 31.83
CA CYS A 208 -1.22 -17.49 32.64
C CYS A 208 -0.68 -17.58 34.07
N GLY A 209 -1.59 -17.56 35.03
CA GLY A 209 -1.29 -17.65 36.45
C GLY A 209 -2.46 -18.18 37.24
N ASP A 210 -2.44 -17.99 38.57
CA ASP A 210 -3.49 -18.46 39.48
C ASP A 210 -3.69 -17.50 40.65
N SER A 211 -4.97 -17.25 41.02
CA SER A 211 -5.41 -16.35 42.09
C SER A 211 -5.20 -16.91 43.51
N SER A 212 -4.93 -18.22 43.64
CA SER A 212 -4.64 -18.89 44.91
C SER A 212 -3.22 -18.50 45.41
N TRP A 213 -2.49 -17.80 44.53
CA TRP A 213 -1.15 -17.25 44.71
C TRP A 213 -1.26 -15.76 44.98
N GLU A 214 -0.52 -15.26 45.97
CA GLU A 214 -0.50 -13.85 46.35
C GLU A 214 -0.27 -12.91 45.17
N TYR A 215 0.79 -13.15 44.39
CA TYR A 215 1.13 -12.29 43.26
C TYR A 215 0.68 -12.87 41.93
N PHE A 216 -0.63 -12.73 41.64
CA PHE A 216 -1.30 -13.19 40.42
C PHE A 216 -0.68 -12.54 39.20
N CYS A 217 -0.03 -13.36 38.36
CA CYS A 217 0.66 -12.94 37.12
C CYS A 217 1.77 -11.87 37.36
N GLY A 218 2.62 -12.15 38.36
CA GLY A 218 3.74 -11.29 38.74
C GLY A 218 4.79 -11.10 37.65
N ALA A 219 4.93 -12.14 36.75
CA ALA A 219 5.84 -12.20 35.60
C ALA A 219 5.50 -11.12 34.57
N VAL A 220 4.18 -10.94 34.29
CA VAL A 220 3.60 -9.94 33.38
C VAL A 220 3.96 -8.53 33.91
N ASP A 221 3.67 -8.25 35.21
CA ASP A 221 4.04 -7.00 35.86
C ASP A 221 5.54 -6.72 35.73
N ALA A 222 6.39 -7.76 35.92
CA ALA A 222 7.85 -7.66 35.83
C ALA A 222 8.31 -7.34 34.42
N ILE A 223 7.71 -7.99 33.40
CA ILE A 223 8.09 -7.78 31.99
C ILE A 223 7.60 -6.41 31.52
N GLU A 224 6.39 -6.00 31.95
CA GLU A 224 5.81 -4.70 31.57
C GLU A 224 6.72 -3.58 32.04
N GLU A 225 7.24 -3.69 33.27
CA GLU A 225 8.11 -2.70 33.91
C GLU A 225 9.50 -2.60 33.27
N LYS A 226 10.12 -3.74 32.84
CA LYS A 226 11.43 -3.65 32.20
C LYS A 226 11.28 -3.09 30.79
N LEU A 227 10.15 -3.39 30.13
CA LEU A 227 9.84 -2.84 28.80
C LEU A 227 9.68 -1.33 28.88
N LYS A 228 9.05 -0.85 29.97
CA LYS A 228 8.81 0.57 30.23
C LYS A 228 10.14 1.33 30.31
N ASN A 229 11.08 0.85 31.13
CA ASN A 229 12.43 1.42 31.33
C ASN A 229 13.22 1.51 30.02
N LEU A 230 13.08 0.51 29.14
CA LEU A 230 13.80 0.46 27.87
C LEU A 230 13.29 1.50 26.86
N GLY A 231 12.08 2.00 27.11
CA GLY A 231 11.43 3.02 26.31
C GLY A 231 10.44 2.45 25.31
N ALA A 232 9.97 1.23 25.58
CA ALA A 232 9.00 0.55 24.74
C ALA A 232 7.63 1.21 24.87
N GLU A 233 6.83 1.14 23.77
CA GLU A 233 5.49 1.67 23.67
C GLU A 233 4.47 0.57 24.00
N ILE A 234 4.05 0.49 25.28
CA ILE A 234 3.07 -0.50 25.72
C ILE A 234 1.68 -0.04 25.26
N VAL A 235 1.21 -0.68 24.17
CA VAL A 235 -0.07 -0.39 23.51
C VAL A 235 -1.31 -0.74 24.39
N GLN A 236 -1.30 -1.90 25.04
CA GLN A 236 -2.40 -2.34 25.88
C GLN A 236 -1.91 -2.96 27.20
N ASP A 237 -2.77 -2.92 28.24
CA ASP A 237 -2.48 -3.48 29.55
C ASP A 237 -2.44 -4.97 29.47
N GLY A 238 -1.55 -5.56 30.25
CA GLY A 238 -1.31 -6.99 30.27
C GLY A 238 -2.53 -7.85 30.44
N LEU A 239 -2.56 -8.95 29.68
CA LEU A 239 -3.60 -9.95 29.71
C LEU A 239 -3.12 -10.97 30.77
N ARG A 240 -3.85 -11.02 31.92
CA ARG A 240 -3.54 -11.86 33.07
C ARG A 240 -4.68 -12.86 33.20
N ILE A 241 -4.45 -14.11 32.83
CA ILE A 241 -5.54 -15.09 32.87
C ILE A 241 -5.42 -16.03 34.09
N ASP A 242 -6.58 -16.36 34.67
CA ASP A 242 -6.72 -17.20 35.86
C ASP A 242 -7.16 -18.63 35.52
N GLY A 243 -6.34 -19.59 35.92
CA GLY A 243 -6.58 -21.01 35.69
C GLY A 243 -6.40 -21.42 34.23
N ASP A 244 -7.19 -22.43 33.80
CA ASP A 244 -7.16 -22.96 32.44
C ASP A 244 -7.51 -21.86 31.40
N PRO A 245 -6.59 -21.53 30.44
CA PRO A 245 -6.90 -20.49 29.43
C PRO A 245 -8.12 -20.78 28.54
N ARG A 246 -8.47 -22.08 28.36
CA ARG A 246 -9.59 -22.57 27.56
C ARG A 246 -10.93 -21.99 28.04
N ALA A 247 -11.06 -21.78 29.37
CA ALA A 247 -12.25 -21.22 30.00
C ALA A 247 -12.25 -19.68 29.93
N ALA A 248 -11.09 -19.07 29.68
CA ALA A 248 -10.96 -17.62 29.56
C ALA A 248 -10.71 -17.21 28.09
N ARG A 249 -10.99 -18.13 27.14
CA ARG A 249 -10.79 -17.98 25.70
C ARG A 249 -11.44 -16.72 25.12
N ASP A 250 -12.63 -16.36 25.62
CA ASP A 250 -13.43 -15.20 25.21
C ASP A 250 -12.75 -13.87 25.53
N ASP A 251 -11.99 -13.84 26.66
CA ASP A 251 -11.25 -12.65 27.10
C ASP A 251 -9.92 -12.55 26.37
N ILE A 252 -9.34 -13.70 25.95
CA ILE A 252 -8.07 -13.75 25.19
C ILE A 252 -8.30 -13.08 23.83
N VAL A 253 -9.34 -13.54 23.10
CA VAL A 253 -9.75 -13.03 21.79
C VAL A 253 -10.19 -11.54 21.89
N GLY A 254 -10.83 -11.18 23.01
CA GLY A 254 -11.25 -9.83 23.33
C GLY A 254 -10.06 -8.91 23.52
N TRP A 255 -9.00 -9.41 24.19
CA TRP A 255 -7.76 -8.70 24.40
C TRP A 255 -7.07 -8.47 23.05
N ALA A 256 -7.15 -9.48 22.16
CA ALA A 256 -6.62 -9.45 20.79
C ALA A 256 -7.29 -8.37 19.94
N HIS A 257 -8.52 -7.95 20.30
CA HIS A 257 -9.26 -6.90 19.57
C HIS A 257 -8.59 -5.53 19.69
N ASP A 258 -7.94 -5.21 20.84
CA ASP A 258 -7.26 -3.91 20.93
C ASP A 258 -5.76 -4.00 20.64
N VAL A 259 -5.15 -5.20 20.70
CA VAL A 259 -3.75 -5.27 20.31
C VAL A 259 -3.62 -5.12 18.79
N ARG A 260 -4.57 -5.70 18.02
CA ARG A 260 -4.60 -5.58 16.56
C ARG A 260 -4.75 -4.11 16.12
N GLY A 261 -5.34 -3.29 17.00
CA GLY A 261 -5.59 -1.87 16.81
C GLY A 261 -4.38 -0.95 16.75
N ALA A 262 -3.25 -1.43 17.28
CA ALA A 262 -2.01 -0.63 17.35
C ALA A 262 -1.64 -0.13 15.96
N ILE A 263 -1.51 -1.04 15.01
CA ILE A 263 -1.18 -0.62 13.62
C ILE A 263 -2.46 -0.69 12.79
N PRO A 264 -2.89 0.41 12.14
CA PRO A 264 -4.26 0.53 11.65
C PRO A 264 -4.53 -0.57 10.62
N ARG A 265 -5.72 -1.18 10.75
CA ARG A 265 -6.16 -2.27 9.86
C ARG A 265 -7.13 -1.67 8.85
N PHE A 266 -7.26 -0.35 8.87
CA PHE A 266 -8.18 0.28 7.93
C PHE A 266 -7.76 1.74 7.72
N ILE A 267 -7.67 2.15 6.45
CA ILE A 267 -7.42 3.54 6.04
C ILE A 267 -8.73 3.99 5.41
N SER A 268 -9.33 5.00 6.01
CA SER A 268 -10.61 5.58 5.60
C SER A 268 -10.64 6.04 4.12
N PRO A 269 -11.83 5.95 3.46
CA PRO A 269 -11.93 6.38 2.05
C PRO A 269 -11.48 7.82 1.81
N ALA A 270 -11.82 8.73 2.73
CA ALA A 270 -11.44 10.15 2.71
C ALA A 270 -9.92 10.32 2.83
N SER A 271 -9.25 9.50 3.67
CA SER A 271 -7.80 9.55 3.88
C SER A 271 -7.04 9.10 2.63
N GLN A 272 -7.55 8.07 1.94
CA GLN A 272 -6.99 7.55 0.69
C GLN A 272 -7.02 8.67 -0.33
N VAL A 273 -8.20 9.31 -0.52
CA VAL A 273 -8.40 10.42 -1.46
C VAL A 273 -7.41 11.54 -1.14
N ALA A 274 -7.26 11.89 0.17
CA ALA A 274 -6.36 12.94 0.64
C ALA A 274 -4.89 12.73 0.23
N ILE A 275 -4.31 11.54 0.53
CA ILE A 275 -2.92 11.25 0.20
C ILE A 275 -2.74 11.21 -1.34
N CYS A 276 -3.73 10.68 -2.09
CA CYS A 276 -3.67 10.66 -3.54
C CYS A 276 -3.65 12.09 -4.12
N LEU A 277 -4.53 12.96 -3.60
CA LEU A 277 -4.61 14.37 -3.99
C LEU A 277 -3.34 15.15 -3.65
N ALA A 278 -2.62 14.76 -2.56
CA ALA A 278 -1.35 15.38 -2.17
C ALA A 278 -0.27 15.09 -3.25
N LEU A 279 -0.11 13.80 -3.65
CA LEU A 279 0.86 13.36 -4.67
C LEU A 279 0.56 14.00 -6.04
N ILE A 280 -0.71 14.05 -6.48
CA ILE A 280 -1.11 14.73 -7.73
C ILE A 280 -0.72 16.24 -7.63
N SER A 281 -0.96 16.87 -6.44
CA SER A 281 -0.66 18.28 -6.20
C SER A 281 0.81 18.63 -6.39
N GLY A 282 1.68 17.64 -6.18
CA GLY A 282 3.13 17.75 -6.32
C GLY A 282 3.50 18.04 -7.76
N GLN A 283 2.84 17.35 -8.68
CA GLN A 283 3.03 17.52 -10.12
C GLN A 283 2.50 18.89 -10.51
N LEU A 284 1.26 19.20 -10.08
CA LEU A 284 0.59 20.45 -10.35
C LEU A 284 1.49 21.63 -10.01
N LEU A 285 2.07 21.61 -8.80
CA LEU A 285 2.98 22.65 -8.33
C LEU A 285 4.21 22.82 -9.21
N ILE A 286 4.76 21.72 -9.77
CA ILE A 286 5.92 21.75 -10.68
C ILE A 286 5.57 22.41 -12.04
N VAL A 287 4.50 21.93 -12.67
CA VAL A 287 4.06 22.31 -14.01
C VAL A 287 3.27 23.67 -14.03
N VAL A 288 2.63 24.09 -12.91
CA VAL A 288 1.97 25.40 -12.80
C VAL A 288 3.11 26.43 -12.64
N ALA A 289 4.06 26.18 -11.68
CA ALA A 289 5.24 27.04 -11.44
C ALA A 289 6.06 27.23 -12.72
N TRP A 290 6.20 26.17 -13.55
CA TRP A 290 6.89 26.22 -14.85
C TRP A 290 6.17 27.16 -15.81
N LEU A 291 4.83 27.05 -15.90
CA LEU A 291 4.02 27.89 -16.78
C LEU A 291 4.06 29.38 -16.41
N VAL A 292 4.12 29.68 -15.10
CA VAL A 292 4.17 31.07 -14.67
C VAL A 292 5.59 31.70 -14.93
N VAL A 293 6.67 30.89 -14.81
CA VAL A 293 8.06 31.33 -15.07
C VAL A 293 8.26 31.48 -16.59
N GLU A 294 7.82 30.47 -17.36
CA GLU A 294 7.92 30.40 -18.83
C GLU A 294 6.52 30.50 -19.45
N ALA A 295 6.09 31.72 -19.77
CA ALA A 295 4.78 32.03 -20.35
C ALA A 295 4.48 31.24 -21.63
N PRO A 296 3.32 30.54 -21.69
CA PRO A 296 2.98 29.77 -22.91
C PRO A 296 2.76 30.63 -24.15
N GLY A 297 2.99 30.06 -25.34
CA GLY A 297 2.84 30.74 -26.61
C GLY A 297 3.55 30.08 -27.77
N THR A 298 3.55 30.74 -28.94
CA THR A 298 4.18 30.29 -30.19
C THR A 298 5.02 31.44 -30.79
N GLY A 299 5.90 31.10 -31.74
CA GLY A 299 6.77 32.06 -32.44
C GLY A 299 7.70 32.85 -31.53
N LEU A 312 3.59 27.09 -35.53
CA LEU A 312 4.18 25.79 -35.87
C LEU A 312 4.59 24.96 -34.63
N ARG A 313 5.25 25.62 -33.65
CA ARG A 313 5.72 24.99 -32.40
C ARG A 313 5.46 25.83 -31.15
N CYS A 314 5.44 25.16 -29.98
CA CYS A 314 5.27 25.80 -28.68
C CYS A 314 6.59 26.50 -28.30
N ASN A 315 6.49 27.58 -27.52
CA ASN A 315 7.64 28.34 -27.02
C ASN A 315 8.53 27.51 -26.08
N HIS A 316 7.94 26.70 -25.18
CA HIS A 316 8.72 25.92 -24.22
C HIS A 316 8.41 24.44 -24.30
N ARG A 317 9.34 23.69 -24.91
CA ARG A 317 9.29 22.25 -25.14
C ARG A 317 9.40 21.46 -23.84
N ASP A 318 9.09 20.15 -23.87
CA ASP A 318 9.14 19.32 -22.63
C ASP A 318 10.59 19.11 -22.19
N ALA A 319 11.54 19.12 -23.13
CA ALA A 319 12.98 18.95 -22.86
C ALA A 319 13.67 20.20 -22.24
N SER A 320 12.98 21.37 -22.22
CA SER A 320 13.47 22.63 -21.63
C SER A 320 13.48 22.54 -20.07
N MET A 321 12.57 21.72 -19.50
CA MET A 321 12.45 21.41 -18.08
C MET A 321 11.88 19.99 -17.91
N LEU A 322 12.70 19.11 -17.33
CA LEU A 322 12.44 17.69 -17.11
C LEU A 322 11.99 17.32 -15.70
N GLY A 323 11.67 18.33 -14.88
CA GLY A 323 11.18 18.16 -13.50
C GLY A 323 9.83 17.46 -13.41
N SER A 324 8.97 17.61 -14.44
CA SER A 324 7.65 16.99 -14.54
C SER A 324 7.79 15.49 -14.78
N LEU A 325 8.76 15.13 -15.64
CA LEU A 325 9.10 13.76 -16.03
C LEU A 325 9.76 13.05 -14.85
N ALA A 326 10.71 13.72 -14.15
CA ALA A 326 11.42 13.18 -12.98
C ALA A 326 10.43 12.77 -11.90
N TYR A 327 9.39 13.58 -11.65
CA TYR A 327 8.34 13.32 -10.65
C TYR A 327 7.57 12.04 -10.97
N ASN A 328 7.17 11.89 -12.24
CA ASN A 328 6.44 10.70 -12.67
C ASN A 328 7.35 9.47 -12.70
N VAL A 329 8.67 9.65 -12.89
CA VAL A 329 9.60 8.52 -12.86
C VAL A 329 9.74 8.06 -11.40
N LEU A 330 9.75 9.02 -10.45
CA LEU A 330 9.76 8.70 -9.00
C LEU A 330 8.49 7.90 -8.67
N LEU A 331 7.30 8.44 -8.99
CA LEU A 331 6.03 7.77 -8.74
C LEU A 331 6.05 6.34 -9.26
N ILE A 332 6.49 6.11 -10.54
CA ILE A 332 6.59 4.78 -11.18
C ILE A 332 7.55 3.83 -10.42
N ALA A 333 8.71 4.35 -9.99
CA ALA A 333 9.76 3.63 -9.24
C ALA A 333 9.26 3.21 -7.88
N LEU A 334 8.73 4.18 -7.11
CA LEU A 334 8.16 4.01 -5.76
C LEU A 334 7.01 3.04 -5.81
N CYS A 335 6.17 3.12 -6.86
CA CYS A 335 5.00 2.26 -7.04
C CYS A 335 5.39 0.83 -7.34
N THR A 336 6.30 0.63 -8.31
CA THR A 336 6.81 -0.67 -8.74
C THR A 336 7.52 -1.41 -7.57
N LEU A 337 8.20 -0.68 -6.66
CA LEU A 337 8.88 -1.23 -5.48
C LEU A 337 7.83 -1.85 -4.54
N TYR A 338 6.87 -1.02 -4.09
CA TYR A 338 5.76 -1.36 -3.21
C TYR A 338 4.82 -2.43 -3.82
N ALA A 339 4.62 -2.42 -5.16
CA ALA A 339 3.75 -3.39 -5.85
C ALA A 339 4.33 -4.78 -5.82
N PHE A 340 5.66 -4.87 -5.99
CA PHE A 340 6.42 -6.11 -5.96
C PHE A 340 6.43 -6.63 -4.53
N LYS A 341 6.70 -5.76 -3.54
CA LYS A 341 6.76 -6.13 -2.13
C LYS A 341 5.41 -6.65 -1.59
N THR A 342 4.30 -6.18 -2.18
CA THR A 342 2.95 -6.57 -1.74
C THR A 342 2.20 -7.53 -2.72
N ARG A 343 2.91 -8.16 -3.70
CA ARG A 343 2.34 -9.05 -4.72
C ARG A 343 1.53 -10.26 -4.21
N LYS A 344 1.98 -10.95 -3.15
CA LYS A 344 1.33 -12.17 -2.65
C LYS A 344 0.00 -11.94 -1.87
N CYS A 345 -0.43 -10.69 -1.68
CA CYS A 345 -1.67 -10.34 -0.99
C CYS A 345 -2.92 -10.86 -1.78
N PRO A 346 -3.79 -11.70 -1.14
CA PRO A 346 -4.95 -12.26 -1.86
C PRO A 346 -6.24 -11.43 -1.85
N GLU A 347 -6.24 -10.31 -1.11
CA GLU A 347 -7.36 -9.39 -0.95
C GLU A 347 -7.90 -8.91 -2.32
N ASN A 348 -9.24 -8.83 -2.45
CA ASN A 348 -10.01 -8.39 -3.62
C ASN A 348 -9.55 -9.10 -4.91
N PHE A 349 -9.62 -10.45 -4.89
CA PHE A 349 -9.27 -11.32 -6.02
C PHE A 349 -7.84 -11.01 -6.54
N ASN A 350 -6.87 -10.98 -5.60
CA ASN A 350 -5.45 -10.70 -5.81
C ASN A 350 -5.17 -9.43 -6.60
N GLU A 351 -5.86 -8.32 -6.30
CA GLU A 351 -5.61 -7.07 -7.00
C GLU A 351 -4.12 -6.65 -6.97
N ALA A 352 -3.42 -7.04 -5.89
CA ALA A 352 -2.00 -6.76 -5.69
C ALA A 352 -1.12 -7.31 -6.82
N LYS A 353 -1.45 -8.54 -7.30
CA LYS A 353 -0.79 -9.25 -8.40
C LYS A 353 -0.96 -8.44 -9.71
N PHE A 354 -2.17 -7.95 -9.97
CA PHE A 354 -2.52 -7.19 -11.18
C PHE A 354 -1.96 -5.77 -11.17
N ILE A 355 -1.77 -5.16 -9.98
CA ILE A 355 -1.13 -3.85 -9.88
C ILE A 355 0.33 -4.09 -10.29
N GLY A 356 0.86 -5.26 -9.87
CA GLY A 356 2.20 -5.74 -10.19
C GLY A 356 2.41 -5.72 -11.69
N PHE A 357 1.58 -6.50 -12.42
CA PHE A 357 1.59 -6.60 -13.88
C PHE A 357 1.52 -5.19 -14.51
N THR A 358 0.54 -4.36 -14.08
CA THR A 358 0.38 -2.97 -14.54
C THR A 358 1.73 -2.22 -14.46
N MET A 359 2.36 -2.26 -13.28
CA MET A 359 3.61 -1.59 -13.00
C MET A 359 4.81 -2.17 -13.76
N TYR A 360 4.92 -3.52 -13.87
CA TYR A 360 6.05 -4.08 -14.62
C TYR A 360 5.90 -3.70 -16.08
N THR A 361 4.66 -3.69 -16.60
CA THR A 361 4.41 -3.29 -17.99
C THR A 361 4.73 -1.80 -18.18
N THR A 362 4.31 -0.94 -17.22
CA THR A 362 4.57 0.51 -17.20
C THR A 362 6.08 0.79 -17.33
N CYS A 363 6.92 0.12 -16.54
CA CYS A 363 8.37 0.30 -16.60
C CYS A 363 8.91 0.00 -17.96
N ILE A 364 8.43 -1.08 -18.58
CA ILE A 364 8.88 -1.48 -19.90
C ILE A 364 8.56 -0.40 -20.95
N ILE A 365 7.34 0.16 -20.91
CA ILE A 365 6.92 1.21 -21.84
C ILE A 365 7.82 2.42 -21.70
N TRP A 366 8.03 2.88 -20.47
CA TRP A 366 8.84 4.05 -20.19
C TRP A 366 10.31 3.86 -20.47
N LEU A 367 10.85 2.64 -20.25
CA LEU A 367 12.26 2.32 -20.53
C LEU A 367 12.50 2.20 -22.02
N ALA A 368 11.48 1.82 -22.80
CA ALA A 368 11.63 1.68 -24.26
C ALA A 368 11.43 3.02 -24.97
N PHE A 369 10.37 3.78 -24.59
CA PHE A 369 10.02 5.02 -25.23
C PHE A 369 10.93 6.20 -24.90
N LEU A 370 11.32 6.38 -23.62
CA LEU A 370 12.16 7.52 -23.24
C LEU A 370 13.42 7.60 -24.13
N PRO A 371 14.17 6.49 -24.41
CA PRO A 371 15.30 6.59 -25.34
C PRO A 371 14.90 6.95 -26.76
N ILE A 372 13.70 6.52 -27.24
CA ILE A 372 13.21 6.84 -28.60
C ILE A 372 13.03 8.34 -28.74
N PHE A 373 12.32 8.97 -27.78
CA PHE A 373 12.11 10.41 -27.68
C PHE A 373 13.42 11.17 -27.75
N TYR A 374 14.42 10.70 -27.00
CA TYR A 374 15.73 11.31 -26.99
C TYR A 374 16.34 11.36 -28.41
N VAL A 375 16.54 10.18 -29.04
CA VAL A 375 17.16 10.05 -30.36
C VAL A 375 16.26 10.56 -31.52
N THR A 376 15.00 10.97 -31.22
CA THR A 376 14.08 11.43 -32.26
C THR A 376 13.65 12.90 -32.06
N SER A 377 14.12 13.54 -30.97
CA SER A 377 13.80 14.92 -30.53
C SER A 377 13.85 15.99 -31.63
N SER A 378 14.63 15.77 -32.70
CA SER A 378 14.82 16.68 -33.84
C SER A 378 13.69 16.64 -34.92
N ASP A 379 12.75 15.68 -34.83
CA ASP A 379 11.60 15.62 -35.75
C ASP A 379 10.31 15.76 -34.97
N TYR A 380 9.71 16.95 -35.03
CA TYR A 380 8.49 17.30 -34.29
C TYR A 380 7.29 16.41 -34.63
N ARG A 381 6.97 16.20 -35.92
CA ARG A 381 5.81 15.35 -36.26
C ARG A 381 5.95 13.94 -35.71
N VAL A 382 7.20 13.40 -35.68
CA VAL A 382 7.53 12.08 -35.15
C VAL A 382 7.34 12.10 -33.61
N GLN A 383 7.86 13.12 -32.95
CA GLN A 383 7.74 13.29 -31.50
C GLN A 383 6.26 13.25 -31.06
N THR A 384 5.41 14.06 -31.73
CA THR A 384 3.96 14.24 -31.52
C THR A 384 3.22 12.91 -31.72
N THR A 385 3.48 12.23 -32.85
CA THR A 385 2.91 10.94 -33.19
C THR A 385 3.30 9.86 -32.16
N THR A 386 4.60 9.82 -31.75
CA THR A 386 5.12 8.86 -30.77
C THR A 386 4.48 9.09 -29.41
N MET A 387 4.34 10.39 -29.04
CA MET A 387 3.71 10.81 -27.80
C MET A 387 2.26 10.32 -27.78
N CYS A 388 1.55 10.36 -28.92
CA CYS A 388 0.18 9.84 -29.03
C CYS A 388 0.12 8.33 -28.81
N VAL A 389 1.14 7.62 -29.27
CA VAL A 389 1.19 6.17 -29.10
C VAL A 389 1.56 5.78 -27.63
N SER A 390 2.61 6.37 -27.05
CA SER A 390 3.11 6.02 -25.72
C SER A 390 2.19 6.37 -24.55
N VAL A 391 1.52 7.55 -24.63
CA VAL A 391 0.58 8.04 -23.62
C VAL A 391 -0.70 7.14 -23.59
N SER A 392 -1.25 6.80 -24.78
CA SER A 392 -2.40 5.92 -24.98
C SER A 392 -2.10 4.47 -24.54
N LEU A 393 -0.89 3.95 -24.87
CA LEU A 393 -0.40 2.60 -24.53
C LEU A 393 -0.29 2.45 -23.03
N SER A 394 0.09 3.56 -22.34
CA SER A 394 0.18 3.68 -20.88
C SER A 394 -1.21 3.55 -20.27
N GLY A 395 -2.21 4.10 -20.95
CA GLY A 395 -3.62 4.02 -20.55
C GLY A 395 -4.16 2.62 -20.72
N SER A 396 -3.94 2.03 -21.91
CA SER A 396 -4.36 0.68 -22.29
C SER A 396 -3.85 -0.42 -21.36
N VAL A 397 -2.63 -0.27 -20.83
CA VAL A 397 -2.01 -1.20 -19.89
C VAL A 397 -2.73 -1.23 -18.54
N VAL A 398 -3.25 -0.07 -18.10
CA VAL A 398 -4.00 0.06 -16.84
C VAL A 398 -5.37 -0.61 -17.04
N LEU A 399 -5.95 -0.42 -18.23
CA LEU A 399 -7.24 -1.04 -18.58
C LEU A 399 -7.14 -2.56 -18.75
N GLY A 400 -6.05 -3.02 -19.35
CA GLY A 400 -5.83 -4.44 -19.62
C GLY A 400 -5.46 -5.26 -18.40
N CYS A 401 -4.43 -4.82 -17.65
CA CYS A 401 -3.91 -5.53 -16.49
C CYS A 401 -4.77 -5.40 -15.26
N LEU A 402 -5.29 -4.22 -14.98
CA LEU A 402 -6.03 -4.02 -13.75
C LEU A 402 -7.55 -4.20 -13.88
N PHE A 403 -8.15 -3.46 -14.79
CA PHE A 403 -9.58 -3.43 -14.95
C PHE A 403 -10.16 -4.63 -15.69
N ALA A 404 -9.55 -5.08 -16.82
CA ALA A 404 -10.10 -6.22 -17.54
C ALA A 404 -10.35 -7.46 -16.65
N PRO A 405 -9.39 -7.91 -15.77
CA PRO A 405 -9.70 -9.03 -14.86
C PRO A 405 -10.84 -8.70 -13.90
N LYS A 406 -10.91 -7.44 -13.39
CA LYS A 406 -11.99 -6.97 -12.51
C LYS A 406 -13.32 -7.09 -13.24
N LEU A 407 -13.35 -6.62 -14.51
CA LEU A 407 -14.53 -6.67 -15.39
C LEU A 407 -15.05 -8.08 -15.66
N TYR A 408 -14.16 -9.02 -15.98
CA TYR A 408 -14.50 -10.41 -16.29
C TYR A 408 -15.28 -11.07 -15.13
N ILE A 409 -14.91 -10.80 -13.85
CA ILE A 409 -15.64 -11.33 -12.70
C ILE A 409 -17.03 -10.68 -12.62
N ILE A 410 -17.12 -9.32 -12.61
CA ILE A 410 -18.38 -8.55 -12.55
C ILE A 410 -19.40 -9.05 -13.59
N LEU A 411 -18.99 -9.13 -14.86
CA LEU A 411 -19.85 -9.47 -15.98
C LEU A 411 -20.08 -10.97 -16.20
N PHE A 412 -19.02 -11.80 -16.17
CA PHE A 412 -19.18 -13.20 -16.48
C PHE A 412 -19.10 -14.14 -15.29
N GLN A 413 -18.81 -13.64 -14.08
CA GLN A 413 -18.82 -14.51 -12.87
C GLN A 413 -19.61 -13.82 -11.70
N PRO A 414 -20.89 -13.39 -11.94
CA PRO A 414 -21.65 -12.67 -10.89
C PRO A 414 -21.87 -13.40 -9.57
N GLN A 415 -21.76 -14.74 -9.56
CA GLN A 415 -21.88 -15.61 -8.39
C GLN A 415 -20.69 -15.41 -7.45
N LYS A 416 -19.52 -15.02 -8.02
CA LYS A 416 -18.28 -14.73 -7.29
C LYS A 416 -18.29 -13.27 -6.78
N ASN A 417 -19.30 -12.47 -7.22
CA ASN A 417 -19.54 -11.04 -6.91
C ASN A 417 -20.86 -10.82 -6.10
N VAL A 418 -21.16 -11.75 -5.17
CA VAL A 418 -22.36 -11.75 -4.34
C VAL A 418 -22.04 -12.14 -2.90
#